data_8E0E
#
_entry.id   8E0E
#
_cell.length_a   144.525
_cell.length_b   144.525
_cell.length_c   63.596
_cell.angle_alpha   90.000
_cell.angle_beta   90.000
_cell.angle_gamma   120.000
#
_symmetry.space_group_name_H-M   'P 65'
#
loop_
_entity.id
_entity.type
_entity.pdbx_description
1 polymer 'Voltage-dependent L-type calcium channel subunit beta-2'
2 polymer 'Nanobody nb.F3'
3 non-polymer GLYCEROL
4 non-polymer (4S)-2-METHYL-2,4-PENTANEDIOL
5 non-polymer 'CALCIUM ION'
6 non-polymer 'MAGNESIUM ION'
7 water water
#
loop_
_entity_poly.entity_id
_entity_poly.type
_entity_poly.pdbx_seq_one_letter_code
_entity_poly.pdbx_strand_id
1 'polypeptide(L)'
;GHMGSADSYTSRPSDSDVSLEEDREAVRREAERQAQAQLEKAKTKPVAFAVRTNVRYSAAQEDDVPVPGMAISFEAKDFL
HVKEKFNNDWWIGRLVKEGCEIGFIPSPVKLENMRLQHEQRAKQGSSKEKRMPFFKKTEHTPPYDVVPSMRPVVLVGPSL
KGYEVTDMMQKALFDFLKHRFEGRISITRVTADISLAKRSVLNNPSKHAIIERSNTRSSLAEVQSEIERIFELARTLQLV
VLDADTINHPAQLSKTSLAPIIVYVKISSPKVLQRLIKSRGKSQAKHLNVQMVAADKLAQCPPQESFDVILDENQLEDAC
EHLADYLEAYWKATHPPSSNLPNPLLSRT
;
A
2 'polypeptide(L)'
;QVQLQESGGGLVQAGGSLRLSCVASGRTFSSYAMGWFRQAPGKEREFVAAIDWSGGTASHADSVKGRFTISRDNAKNTVY
LQMNSLKPEDTAVYYCAASSYWSRSVDEYDYWGQGTQVTVSS
;
B
#
loop_
_chem_comp.id
_chem_comp.type
_chem_comp.name
_chem_comp.formula
CA non-polymer 'CALCIUM ION' 'Ca 2'
GOL non-polymer GLYCEROL 'C3 H8 O3'
MG non-polymer 'MAGNESIUM ION' 'Mg 2'
MPD non-polymer (4S)-2-METHYL-2,4-PENTANEDIOL 'C6 H14 O2'
#
# COMPACT_ATOMS: atom_id res chain seq x y z
N SER A 16 45.16 27.85 -0.05
CA SER A 16 45.02 27.77 -1.51
C SER A 16 43.57 27.50 -1.90
N ASP A 17 43.15 28.06 -3.04
CA ASP A 17 41.82 27.80 -3.54
C ASP A 17 41.65 26.34 -3.95
N VAL A 18 42.74 25.70 -4.39
CA VAL A 18 42.69 24.28 -4.72
C VAL A 18 42.52 23.45 -3.44
N SER A 19 43.33 23.75 -2.42
CA SER A 19 43.23 23.04 -1.14
C SER A 19 41.86 23.22 -0.49
N LEU A 20 41.07 24.18 -0.96
CA LEU A 20 39.75 24.40 -0.40
C LEU A 20 38.71 23.55 -1.12
N GLU A 21 38.80 23.44 -2.45
CA GLU A 21 37.94 22.50 -3.17
C GLU A 21 38.19 21.08 -2.71
N GLU A 22 39.44 20.76 -2.35
CA GLU A 22 39.74 19.50 -1.70
C GLU A 22 38.94 19.33 -0.41
N ASP A 23 38.68 20.44 0.30
CA ASP A 23 37.86 20.37 1.50
C ASP A 23 36.40 20.13 1.15
N ARG A 24 35.87 20.86 0.16
CA ARG A 24 34.47 20.65 -0.23
C ARG A 24 34.25 19.24 -0.74
N GLU A 25 35.24 18.68 -1.44
CA GLU A 25 35.14 17.30 -1.90
C GLU A 25 35.20 16.33 -0.72
N ALA A 26 36.12 16.57 0.22
CA ALA A 26 36.26 15.68 1.38
C ALA A 26 34.99 15.70 2.23
N VAL A 27 34.38 16.88 2.39
CA VAL A 27 33.10 16.96 3.09
C VAL A 27 32.06 16.12 2.36
N ARG A 28 32.03 16.19 1.03
N ARG A 28 32.04 16.19 1.04
CA ARG A 28 31.08 15.40 0.27
CA ARG A 28 31.08 15.40 0.27
C ARG A 28 31.34 13.90 0.45
C ARG A 28 31.35 13.91 0.43
N ARG A 29 32.62 13.50 0.41
CA ARG A 29 32.94 12.09 0.59
C ARG A 29 32.56 11.60 1.98
N GLU A 30 32.71 12.46 3.00
CA GLU A 30 32.34 12.07 4.35
C GLU A 30 30.83 11.94 4.48
N ALA A 31 30.08 12.85 3.85
CA ALA A 31 28.62 12.72 3.84
C ALA A 31 28.20 11.43 3.15
N GLU A 32 28.87 11.07 2.06
CA GLU A 32 28.55 9.82 1.38
C GLU A 32 28.93 8.61 2.24
N ARG A 33 30.07 8.68 2.93
CA ARG A 33 30.47 7.59 3.80
C ARG A 33 29.45 7.37 4.91
N GLN A 34 28.94 8.45 5.49
CA GLN A 34 27.94 8.31 6.54
C GLN A 34 26.63 7.76 5.98
N ALA A 35 26.24 8.20 4.78
CA ALA A 35 25.02 7.67 4.17
C ALA A 35 25.17 6.19 3.83
N GLN A 36 26.34 5.78 3.35
CA GLN A 36 26.57 4.36 3.07
C GLN A 36 26.55 3.53 4.35
N ALA A 37 27.10 4.07 5.44
CA ALA A 37 27.06 3.37 6.72
C ALA A 37 25.62 3.16 7.18
N GLN A 38 24.75 4.16 6.98
N GLN A 38 24.75 4.16 6.98
CA GLN A 38 23.35 4.01 7.32
CA GLN A 38 23.35 4.00 7.33
C GLN A 38 22.66 2.99 6.43
C GLN A 38 22.66 2.98 6.43
N LEU A 39 23.09 2.88 5.17
CA LEU A 39 22.53 1.87 4.27
C LEU A 39 22.89 0.46 4.74
N GLU A 40 24.12 0.28 5.23
CA GLU A 40 24.54 -1.03 5.74
C GLU A 40 23.74 -1.40 6.97
N LYS A 41 23.47 -0.43 7.85
CA LYS A 41 22.69 -0.71 9.06
C LYS A 41 21.26 -1.13 8.71
N ALA A 42 20.73 -0.65 7.59
CA ALA A 42 19.37 -0.97 7.19
C ALA A 42 19.24 -2.34 6.54
N LYS A 43 20.36 -2.97 6.15
CA LYS A 43 20.30 -4.26 5.47
C LYS A 43 19.65 -5.33 6.36
N THR A 44 19.76 -5.18 7.67
CA THR A 44 19.22 -6.15 8.61
C THR A 44 17.92 -5.71 9.27
N LYS A 45 17.39 -4.55 8.88
CA LYS A 45 16.09 -4.12 9.40
C LYS A 45 14.97 -4.74 8.57
N PRO A 46 13.80 -4.94 9.18
CA PRO A 46 12.68 -5.53 8.44
C PRO A 46 12.09 -4.56 7.43
N VAL A 47 11.30 -5.11 6.51
CA VAL A 47 10.58 -4.29 5.55
C VAL A 47 9.46 -3.56 6.29
N ALA A 48 9.46 -2.23 6.23
CA ALA A 48 8.44 -1.47 6.94
C ALA A 48 7.13 -1.45 6.17
N PHE A 49 7.17 -1.08 4.90
CA PHE A 49 5.98 -1.04 4.06
C PHE A 49 6.39 -1.21 2.61
N ALA A 50 5.40 -1.32 1.73
CA ALA A 50 5.63 -1.46 0.30
C ALA A 50 4.83 -0.40 -0.43
N VAL A 51 5.32 -0.03 -1.62
CA VAL A 51 4.61 0.89 -2.50
C VAL A 51 4.60 0.32 -3.91
N ARG A 52 3.53 0.60 -4.63
CA ARG A 52 3.45 0.38 -6.06
C ARG A 52 3.59 1.71 -6.77
N THR A 53 4.44 1.77 -7.78
CA THR A 53 4.75 3.02 -8.44
C THR A 53 3.76 3.29 -9.57
N ASN A 54 3.49 4.57 -9.82
CA ASN A 54 2.65 5.00 -10.91
C ASN A 54 3.44 5.70 -12.01
N VAL A 55 4.74 5.91 -11.82
CA VAL A 55 5.57 6.63 -12.77
C VAL A 55 6.91 5.91 -12.90
N ARG A 56 7.65 6.27 -13.95
CA ARG A 56 9.01 5.82 -14.11
C ARG A 56 9.97 6.82 -13.47
N TYR A 57 10.96 6.30 -12.77
CA TYR A 57 12.08 7.11 -12.28
C TYR A 57 13.37 6.51 -12.80
N SER A 58 14.07 7.24 -13.65
CA SER A 58 15.39 6.86 -14.15
C SER A 58 16.41 7.75 -13.46
N ALA A 59 17.25 7.14 -12.62
CA ALA A 59 18.28 7.88 -11.89
C ALA A 59 19.15 8.66 -12.85
N ALA A 60 19.33 9.95 -12.56
CA ALA A 60 20.10 10.84 -13.41
C ALA A 60 21.28 11.42 -12.61
N GLN A 61 22.20 12.06 -13.34
CA GLN A 61 23.49 12.44 -12.78
C GLN A 61 23.42 13.63 -11.84
N GLU A 62 22.33 14.41 -11.86
CA GLU A 62 22.20 15.57 -10.98
C GLU A 62 21.16 15.33 -9.89
N ASP A 63 20.80 14.07 -9.64
CA ASP A 63 19.77 13.75 -8.66
C ASP A 63 20.21 14.02 -7.22
N ASP A 64 21.52 14.15 -6.98
CA ASP A 64 22.05 14.40 -5.63
C ASP A 64 21.66 13.26 -4.68
N VAL A 65 22.00 12.04 -5.09
CA VAL A 65 21.71 10.85 -4.28
C VAL A 65 22.63 10.84 -3.07
N PRO A 66 22.15 10.43 -1.88
CA PRO A 66 23.05 10.38 -0.71
C PRO A 66 24.34 9.60 -0.96
N VAL A 67 24.27 8.47 -1.65
CA VAL A 67 25.46 7.81 -2.15
C VAL A 67 25.33 7.74 -3.67
N PRO A 68 26.11 8.50 -4.42
CA PRO A 68 25.94 8.52 -5.88
C PRO A 68 26.08 7.14 -6.48
N GLY A 69 25.19 6.80 -7.40
CA GLY A 69 25.15 5.50 -8.03
C GLY A 69 24.32 4.46 -7.30
N MET A 70 23.79 4.77 -6.12
CA MET A 70 23.00 3.83 -5.35
C MET A 70 21.51 4.14 -5.38
N ALA A 71 21.08 4.98 -6.32
CA ALA A 71 19.65 5.26 -6.47
C ALA A 71 18.96 4.06 -7.11
N ILE A 72 17.70 3.83 -6.70
CA ILE A 72 16.90 2.74 -7.20
C ILE A 72 16.03 3.26 -8.33
N SER A 73 16.37 2.92 -9.57
CA SER A 73 15.51 3.22 -10.70
C SER A 73 14.38 2.21 -10.77
N PHE A 74 13.22 2.66 -11.26
CA PHE A 74 12.08 1.77 -11.38
C PHE A 74 11.18 2.21 -12.52
N GLU A 75 10.33 1.30 -12.96
CA GLU A 75 9.33 1.57 -13.98
C GLU A 75 7.95 1.72 -13.33
N ALA A 76 7.01 2.23 -14.11
CA ALA A 76 5.64 2.33 -13.64
C ALA A 76 5.09 0.94 -13.32
N LYS A 77 4.35 0.86 -12.21
CA LYS A 77 3.73 -0.36 -11.71
C LYS A 77 4.73 -1.36 -11.15
N ASP A 78 5.94 -0.92 -10.84
CA ASP A 78 6.87 -1.73 -10.08
C ASP A 78 6.50 -1.68 -8.59
N PHE A 79 7.09 -2.58 -7.82
CA PHE A 79 6.87 -2.64 -6.39
C PHE A 79 8.19 -2.45 -5.66
N LEU A 80 8.17 -1.62 -4.61
CA LEU A 80 9.35 -1.32 -3.81
C LEU A 80 9.10 -1.72 -2.37
N HIS A 81 10.08 -2.38 -1.77
CA HIS A 81 10.08 -2.71 -0.35
C HIS A 81 10.90 -1.65 0.38
N VAL A 82 10.28 -0.93 1.31
CA VAL A 82 10.92 0.20 1.99
C VAL A 82 11.29 -0.22 3.41
N LYS A 83 12.52 0.10 3.81
CA LYS A 83 13.02 -0.27 5.13
C LYS A 83 13.24 0.89 6.07
N GLU A 84 13.57 2.08 5.55
CA GLU A 84 13.91 3.19 6.44
C GLU A 84 13.76 4.50 5.69
N LYS A 85 13.46 5.56 6.44
CA LYS A 85 13.48 6.92 5.94
C LYS A 85 14.87 7.51 6.18
N PHE A 86 15.55 7.89 5.10
CA PHE A 86 16.87 8.49 5.26
C PHE A 86 16.76 9.97 5.59
N ASN A 87 16.04 10.72 4.76
CA ASN A 87 15.66 12.10 5.09
C ASN A 87 14.37 12.40 4.35
N ASN A 88 14.02 13.69 4.26
CA ASN A 88 12.77 14.07 3.61
C ASN A 88 12.80 13.82 2.11
N ASP A 89 13.98 13.61 1.52
CA ASP A 89 14.10 13.43 0.09
C ASP A 89 14.33 11.98 -0.33
N TRP A 90 14.72 11.10 0.60
CA TRP A 90 15.15 9.76 0.22
C TRP A 90 14.73 8.73 1.24
N TRP A 91 14.32 7.56 0.75
CA TRP A 91 14.11 6.37 1.55
C TRP A 91 15.21 5.36 1.26
N ILE A 92 15.26 4.31 2.08
CA ILE A 92 16.14 3.18 1.86
C ILE A 92 15.28 1.95 1.61
N GLY A 93 15.49 1.31 0.48
CA GLY A 93 14.71 0.13 0.15
C GLY A 93 15.19 -0.48 -1.15
N ARG A 94 14.40 -1.42 -1.67
CA ARG A 94 14.80 -2.16 -2.85
C ARG A 94 13.62 -2.41 -3.77
N LEU A 95 13.93 -2.51 -5.06
CA LEU A 95 12.97 -3.03 -6.04
C LEU A 95 12.64 -4.48 -5.69
N VAL A 96 11.35 -4.80 -5.70
CA VAL A 96 10.94 -6.18 -5.44
C VAL A 96 11.17 -7.00 -6.69
N LYS A 97 12.40 -7.50 -6.85
CA LYS A 97 12.81 -8.23 -8.04
C LYS A 97 14.11 -8.96 -7.72
N GLU A 98 14.20 -10.20 -8.18
CA GLU A 98 15.37 -11.01 -7.89
C GLU A 98 16.65 -10.31 -8.36
N GLY A 99 17.68 -10.34 -7.51
CA GLY A 99 18.95 -9.72 -7.82
C GLY A 99 19.05 -8.26 -7.47
N CYS A 100 17.95 -7.61 -7.10
CA CYS A 100 17.95 -6.21 -6.74
C CYS A 100 18.26 -6.07 -5.25
N GLU A 101 19.21 -5.18 -4.93
CA GLU A 101 19.63 -4.92 -3.57
C GLU A 101 19.16 -3.54 -3.13
N ILE A 102 19.28 -3.27 -1.83
CA ILE A 102 18.72 -2.04 -1.30
C ILE A 102 19.58 -0.86 -1.71
N GLY A 103 18.92 0.28 -1.88
CA GLY A 103 19.58 1.53 -2.25
C GLY A 103 18.70 2.66 -1.81
N PHE A 104 18.84 3.80 -2.46
CA PHE A 104 18.10 5.00 -2.08
C PHE A 104 16.92 5.22 -3.04
N ILE A 105 15.73 5.34 -2.47
CA ILE A 105 14.50 5.53 -3.22
C ILE A 105 14.05 6.98 -3.03
N PRO A 106 13.81 7.74 -4.09
CA PRO A 106 13.38 9.13 -3.91
C PRO A 106 11.99 9.21 -3.30
N SER A 107 11.84 10.12 -2.35
CA SER A 107 10.54 10.35 -1.73
C SER A 107 9.63 11.10 -2.69
N PRO A 108 8.31 11.12 -2.43
CA PRO A 108 7.42 11.94 -3.26
C PRO A 108 7.81 13.41 -3.30
N VAL A 109 8.37 13.94 -2.21
CA VAL A 109 8.84 15.33 -2.21
C VAL A 109 9.98 15.49 -3.20
N LYS A 110 10.94 14.56 -3.19
CA LYS A 110 12.06 14.64 -4.12
C LYS A 110 11.61 14.40 -5.55
N LEU A 111 10.72 13.42 -5.76
CA LEU A 111 10.23 13.13 -7.10
C LEU A 111 9.55 14.35 -7.72
N GLU A 112 8.86 15.14 -6.91
CA GLU A 112 8.20 16.34 -7.41
C GLU A 112 9.23 17.35 -7.94
N ASN A 113 10.23 17.68 -7.14
CA ASN A 113 11.18 18.72 -7.52
C ASN A 113 11.98 18.30 -8.76
N MET A 114 12.22 17.01 -8.94
CA MET A 114 12.97 16.56 -10.11
C MET A 114 12.16 16.74 -11.39
N ARG A 115 10.85 16.50 -11.33
CA ARG A 115 10.00 16.73 -12.49
C ARG A 115 10.00 18.21 -12.89
N LEU A 116 10.00 19.10 -11.90
CA LEU A 116 10.03 20.54 -12.18
C LEU A 116 11.33 20.94 -12.87
N GLN A 117 12.44 20.31 -12.49
CA GLN A 117 13.71 20.61 -13.15
C GLN A 117 13.72 20.09 -14.58
N HIS A 118 13.06 18.96 -14.82
CA HIS A 118 13.01 18.41 -16.16
C HIS A 118 12.17 19.28 -17.09
N GLU A 119 11.07 19.84 -16.58
CA GLU A 119 10.22 20.70 -17.39
C GLU A 119 10.82 22.07 -17.65
N GLN A 120 11.73 22.53 -16.78
CA GLN A 120 12.33 23.85 -16.94
C GLN A 120 13.39 23.86 -18.03
N ARG A 121 14.15 22.77 -18.17
CA ARG A 121 15.16 22.65 -19.20
C ARG A 121 14.63 22.05 -20.50
N ALA A 122 13.39 21.55 -20.50
CA ALA A 122 12.81 21.00 -21.70
C ALA A 122 12.54 22.10 -22.73
N LYS A 123 12.64 21.73 -24.00
CA LYS A 123 12.45 22.69 -25.10
C LYS A 123 10.98 22.96 -25.36
N LYS A 130 3.58 24.38 -25.44
CA LYS A 130 2.20 24.79 -25.71
C LYS A 130 1.99 26.23 -25.31
N ARG A 131 0.79 26.77 -25.56
CA ARG A 131 0.55 28.18 -25.24
C ARG A 131 0.22 28.39 -23.78
N MET A 132 -0.29 27.39 -23.06
CA MET A 132 -0.59 27.68 -21.67
C MET A 132 0.61 27.52 -20.73
N PRO A 133 1.69 26.79 -21.09
CA PRO A 133 2.83 26.95 -20.17
C PRO A 133 3.49 28.32 -20.30
N HIS A 140 1.24 15.68 -11.28
CA HIS A 140 -0.19 15.72 -10.98
C HIS A 140 -0.62 14.51 -10.18
N THR A 141 -0.32 13.31 -10.70
CA THR A 141 -0.72 12.08 -10.02
C THR A 141 0.37 11.64 -9.04
N PRO A 142 -0.01 11.20 -7.85
CA PRO A 142 0.97 10.77 -6.84
C PRO A 142 1.74 9.56 -7.31
N PRO A 143 3.07 9.57 -7.17
CA PRO A 143 3.88 8.48 -7.75
C PRO A 143 3.79 7.17 -6.98
N TYR A 144 3.43 7.19 -5.69
CA TYR A 144 3.43 6.00 -4.86
C TYR A 144 2.05 5.74 -4.29
N ASP A 145 1.64 4.47 -4.31
CA ASP A 145 0.50 3.97 -3.55
C ASP A 145 1.02 2.96 -2.54
N VAL A 146 0.64 3.13 -1.27
CA VAL A 146 0.99 2.14 -0.26
C VAL A 146 0.16 0.88 -0.49
N VAL A 147 0.85 -0.26 -0.61
CA VAL A 147 0.20 -1.53 -0.91
C VAL A 147 0.68 -2.56 0.11
N PRO A 148 0.02 -3.71 0.25
CA PRO A 148 0.53 -4.73 1.18
C PRO A 148 1.93 -5.17 0.79
N SER A 149 2.72 -5.52 1.81
CA SER A 149 4.12 -5.88 1.58
C SER A 149 4.24 -7.15 0.74
N MET A 150 3.23 -8.00 0.77
CA MET A 150 3.10 -9.12 -0.15
C MET A 150 1.80 -8.97 -0.92
N ARG A 151 1.86 -9.13 -2.22
CA ARG A 151 0.66 -9.02 -3.04
C ARG A 151 -0.27 -10.19 -2.75
N PRO A 152 -1.49 -9.95 -2.29
CA PRO A 152 -2.38 -11.06 -1.94
C PRO A 152 -2.83 -11.81 -3.18
N VAL A 153 -2.77 -13.14 -3.12
CA VAL A 153 -3.22 -13.99 -4.21
C VAL A 153 -4.74 -14.08 -4.17
N VAL A 154 -5.36 -13.82 -5.32
CA VAL A 154 -6.82 -13.90 -5.48
C VAL A 154 -7.12 -14.73 -6.71
N LEU A 155 -7.98 -15.73 -6.56
CA LEU A 155 -8.41 -16.56 -7.67
C LEU A 155 -9.70 -16.02 -8.27
N VAL A 156 -9.77 -15.99 -9.59
CA VAL A 156 -10.99 -15.65 -10.31
C VAL A 156 -11.23 -16.71 -11.37
N GLY A 157 -12.50 -17.05 -11.59
CA GLY A 157 -12.87 -18.03 -12.58
C GLY A 157 -12.86 -19.45 -12.05
N PRO A 158 -13.27 -20.42 -12.88
CA PRO A 158 -13.70 -20.30 -14.28
C PRO A 158 -15.02 -19.55 -14.42
N SER A 159 -15.82 -19.54 -13.37
CA SER A 159 -17.10 -18.84 -13.39
C SER A 159 -17.35 -18.14 -12.05
N LEU A 160 -18.61 -18.04 -11.65
CA LEU A 160 -18.97 -17.33 -10.44
C LEU A 160 -18.67 -18.18 -9.20
N LYS A 161 -18.06 -17.55 -8.20
CA LYS A 161 -17.93 -18.19 -6.90
C LYS A 161 -19.31 -18.39 -6.27
N GLY A 162 -19.40 -19.37 -5.37
CA GLY A 162 -20.67 -19.75 -4.79
C GLY A 162 -21.40 -20.85 -5.54
N TYR A 163 -20.90 -21.26 -6.69
CA TYR A 163 -21.45 -22.38 -7.44
C TYR A 163 -20.42 -23.51 -7.47
N GLU A 164 -20.92 -24.73 -7.70
CA GLU A 164 -20.12 -25.91 -7.42
C GLU A 164 -18.91 -26.03 -8.33
N VAL A 165 -19.04 -25.66 -9.61
CA VAL A 165 -17.94 -25.84 -10.56
C VAL A 165 -16.74 -24.98 -10.16
N THR A 166 -16.98 -23.69 -9.92
CA THR A 166 -15.89 -22.81 -9.53
C THR A 166 -15.39 -23.11 -8.12
N ASP A 167 -16.30 -23.35 -7.18
CA ASP A 167 -15.90 -23.60 -5.80
C ASP A 167 -15.05 -24.86 -5.70
N MET A 168 -15.43 -25.93 -6.40
CA MET A 168 -14.67 -27.17 -6.32
C MET A 168 -13.28 -27.02 -6.94
N MET A 169 -13.18 -26.26 -8.03
CA MET A 169 -11.89 -26.07 -8.67
C MET A 169 -10.98 -25.18 -7.81
N GLN A 170 -11.52 -24.08 -7.29
CA GLN A 170 -10.71 -23.20 -6.45
C GLN A 170 -10.32 -23.87 -5.15
N LYS A 171 -11.22 -24.69 -4.58
CA LYS A 171 -10.89 -25.40 -3.35
C LYS A 171 -9.72 -26.35 -3.56
N ALA A 172 -9.66 -27.01 -4.72
CA ALA A 172 -8.54 -27.89 -5.02
C ALA A 172 -7.23 -27.12 -5.08
N LEU A 173 -7.25 -25.91 -5.66
CA LEU A 173 -6.05 -25.10 -5.71
C LEU A 173 -5.66 -24.57 -4.34
N PHE A 174 -6.65 -24.18 -3.53
CA PHE A 174 -6.36 -23.73 -2.17
C PHE A 174 -5.75 -24.85 -1.35
N ASP A 175 -6.27 -26.07 -1.49
CA ASP A 175 -5.72 -27.20 -0.75
C ASP A 175 -4.29 -27.50 -1.17
N PHE A 176 -3.97 -27.30 -2.45
CA PHE A 176 -2.60 -27.51 -2.92
C PHE A 176 -1.66 -26.46 -2.34
N LEU A 177 -2.11 -25.21 -2.25
CA LEU A 177 -1.25 -24.14 -1.75
C LEU A 177 -0.96 -24.31 -0.26
N LYS A 178 -1.92 -24.83 0.50
CA LYS A 178 -1.69 -25.08 1.92
C LYS A 178 -0.54 -26.05 2.14
N HIS A 179 -0.49 -27.11 1.35
CA HIS A 179 0.55 -28.12 1.52
C HIS A 179 1.86 -27.70 0.88
N ARG A 180 1.80 -27.15 -0.35
CA ARG A 180 3.02 -26.79 -1.05
C ARG A 180 3.79 -25.69 -0.34
N PHE A 181 3.09 -24.75 0.31
CA PHE A 181 3.72 -23.61 0.94
C PHE A 181 3.51 -23.59 2.45
N GLU A 182 3.35 -24.76 3.05
CA GLU A 182 3.15 -24.84 4.50
C GLU A 182 4.31 -24.19 5.23
N GLY A 183 3.97 -23.36 6.24
CA GLY A 183 4.96 -22.59 6.96
C GLY A 183 5.30 -21.26 6.34
N ARG A 184 4.94 -21.04 5.07
CA ARG A 184 5.18 -19.77 4.40
C ARG A 184 3.90 -19.09 3.94
N ILE A 185 2.73 -19.66 4.23
CA ILE A 185 1.48 -19.25 3.62
C ILE A 185 0.50 -18.84 4.71
N SER A 186 -0.29 -17.80 4.44
CA SER A 186 -1.37 -17.36 5.31
C SER A 186 -2.63 -17.22 4.45
N ILE A 187 -3.49 -18.22 4.50
CA ILE A 187 -4.75 -18.22 3.74
C ILE A 187 -5.86 -17.74 4.66
N THR A 188 -6.64 -16.77 4.17
CA THR A 188 -7.73 -16.21 4.96
C THR A 188 -8.93 -15.98 4.06
N ARG A 189 -10.12 -16.15 4.65
CA ARG A 189 -11.38 -15.91 3.96
C ARG A 189 -11.78 -14.45 4.10
N VAL A 190 -12.29 -13.88 3.01
CA VAL A 190 -12.77 -12.50 2.99
C VAL A 190 -14.20 -12.52 2.49
N THR A 191 -15.17 -12.39 3.39
CA THR A 191 -16.57 -12.34 3.01
C THR A 191 -17.05 -10.93 2.67
N ALA A 192 -16.38 -9.90 3.19
CA ALA A 192 -16.76 -8.53 2.89
C ALA A 192 -16.37 -8.17 1.47
N ASP A 193 -17.15 -7.28 0.87
CA ASP A 193 -16.91 -6.86 -0.52
C ASP A 193 -15.76 -5.86 -0.55
N ILE A 194 -14.54 -6.39 -0.66
CA ILE A 194 -13.35 -5.53 -0.72
C ILE A 194 -13.21 -4.83 -2.05
N SER A 195 -14.13 -5.06 -3.00
CA SER A 195 -14.18 -4.24 -4.19
C SER A 195 -14.59 -2.81 -3.87
N LEU A 196 -15.15 -2.56 -2.69
CA LEU A 196 -15.54 -1.23 -2.27
C LEU A 196 -14.36 -0.43 -1.69
N ALA A 197 -13.20 -1.04 -1.55
CA ALA A 197 -12.05 -0.38 -0.92
C ALA A 197 -11.28 0.47 -1.93
N LYS A 198 -11.98 1.47 -2.48
CA LYS A 198 -11.39 2.39 -3.43
C LYS A 198 -11.67 3.82 -3.00
N ARG A 199 -10.91 4.75 -3.60
CA ARG A 199 -10.97 6.15 -3.17
C ARG A 199 -12.35 6.75 -3.39
N SER A 200 -13.05 6.33 -4.44
CA SER A 200 -14.39 6.85 -4.70
C SER A 200 -15.39 6.44 -3.63
N VAL A 201 -15.03 5.50 -2.76
CA VAL A 201 -15.94 5.02 -1.72
C VAL A 201 -15.36 5.31 -0.34
N LEU A 202 -14.15 4.82 -0.08
CA LEU A 202 -13.55 4.93 1.24
C LEU A 202 -12.98 6.31 1.52
N ASN A 203 -12.64 7.07 0.49
CA ASN A 203 -12.12 8.43 0.65
C ASN A 203 -13.02 9.43 -0.06
N ASN A 204 -14.33 9.24 0.06
CA ASN A 204 -15.28 10.12 -0.61
C ASN A 204 -15.46 11.38 0.22
N PRO A 205 -15.20 12.56 -0.33
CA PRO A 205 -15.33 13.81 0.44
C PRO A 205 -16.70 14.47 0.39
N SER A 206 -17.69 13.85 -0.25
CA SER A 206 -19.01 14.46 -0.35
C SER A 206 -19.69 14.50 1.01
N LYS A 207 -20.72 15.35 1.12
CA LYS A 207 -21.49 15.45 2.35
C LYS A 207 -22.20 14.16 2.69
N HIS A 208 -22.36 13.25 1.72
CA HIS A 208 -22.93 11.94 2.00
C HIS A 208 -22.01 11.14 2.93
N ALA A 209 -20.74 10.98 2.53
CA ALA A 209 -19.80 10.17 3.32
C ALA A 209 -19.58 10.76 4.72
N ILE A 210 -19.60 12.09 4.84
CA ILE A 210 -19.39 12.72 6.14
C ILE A 210 -20.49 12.31 7.12
N ILE A 211 -21.67 11.98 6.61
CA ILE A 211 -22.76 11.49 7.46
C ILE A 211 -22.64 9.98 7.68
N GLU A 212 -22.24 9.23 6.65
CA GLU A 212 -22.08 7.79 6.82
C GLU A 212 -20.97 7.45 7.79
N ARG A 213 -19.90 8.25 7.81
CA ARG A 213 -18.85 8.07 8.81
C ARG A 213 -19.32 8.36 10.22
N SER A 214 -20.48 9.01 10.38
CA SER A 214 -21.00 9.30 11.71
C SER A 214 -21.66 8.08 12.35
N ASN A 215 -22.28 7.22 11.55
CA ASN A 215 -22.89 6.00 12.07
C ASN A 215 -21.80 4.95 12.30
N THR A 216 -21.68 4.48 13.54
CA THR A 216 -20.70 3.44 13.85
C THR A 216 -21.01 2.12 13.16
N ARG A 217 -22.20 1.96 12.58
CA ARG A 217 -22.60 0.74 11.90
C ARG A 217 -22.62 0.90 10.38
N SER A 218 -21.93 1.91 9.85
CA SER A 218 -21.79 2.02 8.41
C SER A 218 -21.11 0.78 7.86
N SER A 219 -21.64 0.27 6.74
CA SER A 219 -21.12 -0.97 6.17
C SER A 219 -19.66 -0.85 5.75
N LEU A 220 -19.17 0.37 5.53
CA LEU A 220 -17.78 0.56 5.14
C LEU A 220 -16.81 0.32 6.28
N ALA A 221 -17.29 0.27 7.53
CA ALA A 221 -16.41 0.02 8.67
C ALA A 221 -15.78 -1.36 8.57
N GLU A 222 -16.59 -2.39 8.29
CA GLU A 222 -16.05 -3.74 8.14
C GLU A 222 -15.18 -3.86 6.90
N VAL A 223 -15.45 -3.09 5.86
CA VAL A 223 -14.61 -3.11 4.67
C VAL A 223 -13.24 -2.54 4.99
N GLN A 224 -13.20 -1.37 5.63
CA GLN A 224 -11.94 -0.76 6.01
C GLN A 224 -11.16 -1.65 6.98
N SER A 225 -11.88 -2.30 7.90
CA SER A 225 -11.22 -3.17 8.87
C SER A 225 -10.60 -4.37 8.18
N GLU A 226 -11.27 -4.92 7.17
CA GLU A 226 -10.73 -6.08 6.46
C GLU A 226 -9.49 -5.71 5.63
N ILE A 227 -9.43 -4.47 5.12
CA ILE A 227 -8.27 -4.05 4.35
C ILE A 227 -7.05 -3.93 5.27
N GLU A 228 -7.22 -3.30 6.43
CA GLU A 228 -6.11 -3.17 7.36
C GLU A 228 -5.65 -4.53 7.87
N ARG A 229 -6.56 -5.48 8.01
CA ARG A 229 -6.18 -6.83 8.40
C ARG A 229 -5.33 -7.51 7.33
N ILE A 230 -5.68 -7.29 6.05
CA ILE A 230 -4.90 -7.90 4.97
C ILE A 230 -3.50 -7.31 4.91
N PHE A 231 -3.39 -5.98 5.07
CA PHE A 231 -2.07 -5.35 5.16
C PHE A 231 -1.27 -5.95 6.30
N GLU A 232 -1.89 -6.10 7.48
CA GLU A 232 -1.19 -6.63 8.63
C GLU A 232 -0.75 -8.07 8.41
N LEU A 233 -1.58 -8.87 7.73
CA LEU A 233 -1.24 -10.26 7.46
C LEU A 233 -0.02 -10.40 6.56
N ALA A 234 0.30 -9.39 5.76
CA ALA A 234 1.44 -9.43 4.85
C ALA A 234 2.67 -8.72 5.40
N ARG A 235 2.60 -8.17 6.62
CA ARG A 235 3.69 -7.33 7.11
C ARG A 235 4.99 -8.11 7.26
N THR A 236 4.89 -9.37 7.72
CA THR A 236 6.08 -10.19 7.96
C THR A 236 6.52 -10.95 6.71
N LEU A 237 5.96 -10.63 5.55
CA LEU A 237 6.38 -11.15 4.24
C LEU A 237 6.01 -12.61 4.03
N GLN A 238 5.00 -13.12 4.72
CA GLN A 238 4.45 -14.42 4.38
C GLN A 238 3.57 -14.31 3.13
N LEU A 239 3.46 -15.41 2.40
CA LEU A 239 2.57 -15.46 1.24
C LEU A 239 1.13 -15.36 1.71
N VAL A 240 0.44 -14.31 1.25
CA VAL A 240 -0.95 -14.07 1.62
C VAL A 240 -1.84 -14.52 0.47
N VAL A 241 -2.83 -15.36 0.80
CA VAL A 241 -3.79 -15.88 -0.17
C VAL A 241 -5.19 -15.59 0.37
N LEU A 242 -5.98 -14.85 -0.40
CA LEU A 242 -7.33 -14.47 0.00
C LEU A 242 -8.36 -15.35 -0.70
N ASP A 243 -9.31 -15.89 0.07
CA ASP A 243 -10.51 -16.51 -0.48
C ASP A 243 -11.58 -15.42 -0.44
N ALA A 244 -11.60 -14.59 -1.47
CA ALA A 244 -12.46 -13.40 -1.50
C ALA A 244 -13.78 -13.77 -2.17
N ASP A 245 -14.86 -13.76 -1.38
CA ASP A 245 -16.16 -14.22 -1.88
C ASP A 245 -16.66 -13.36 -3.03
N THR A 246 -16.44 -12.06 -2.96
CA THR A 246 -17.12 -11.12 -3.85
C THR A 246 -16.30 -10.77 -5.10
N ILE A 247 -15.09 -11.29 -5.23
CA ILE A 247 -14.20 -10.91 -6.33
C ILE A 247 -14.24 -12.01 -7.38
N ASN A 248 -14.95 -11.75 -8.47
CA ASN A 248 -15.04 -12.67 -9.60
C ASN A 248 -14.37 -12.13 -10.86
N HIS A 249 -13.78 -10.95 -10.80
CA HIS A 249 -13.29 -10.27 -11.98
C HIS A 249 -12.20 -9.29 -11.58
N PRO A 250 -11.08 -9.24 -12.31
CA PRO A 250 -9.96 -8.37 -11.88
C PRO A 250 -10.32 -6.90 -11.82
N ALA A 251 -11.31 -6.46 -12.61
CA ALA A 251 -11.73 -5.06 -12.56
C ALA A 251 -12.34 -4.69 -11.21
N GLN A 252 -12.75 -5.68 -10.42
CA GLN A 252 -13.31 -5.41 -9.10
C GLN A 252 -12.26 -5.05 -8.06
N LEU A 253 -10.97 -5.28 -8.36
CA LEU A 253 -9.90 -4.91 -7.44
C LEU A 253 -8.90 -3.93 -8.02
N SER A 254 -9.01 -3.60 -9.31
CA SER A 254 -7.99 -2.77 -9.95
C SER A 254 -7.96 -1.35 -9.40
N LYS A 255 -9.08 -0.88 -8.83
CA LYS A 255 -9.12 0.46 -8.27
C LYS A 255 -8.78 0.50 -6.79
N THR A 256 -8.56 -0.65 -6.16
CA THR A 256 -8.13 -0.69 -4.78
C THR A 256 -6.60 -0.62 -4.70
N SER A 257 -6.11 -0.47 -3.47
CA SER A 257 -4.67 -0.48 -3.21
C SER A 257 -4.17 -1.83 -2.72
N LEU A 258 -4.94 -2.90 -2.96
CA LEU A 258 -4.51 -4.22 -2.54
C LEU A 258 -3.46 -4.82 -3.46
N ALA A 259 -3.37 -4.34 -4.70
CA ALA A 259 -2.42 -4.79 -5.70
C ALA A 259 -2.31 -6.33 -5.75
N PRO A 260 -3.43 -7.02 -5.95
CA PRO A 260 -3.41 -8.48 -5.83
C PRO A 260 -2.67 -9.15 -6.97
N ILE A 261 -2.24 -10.38 -6.70
CA ILE A 261 -1.82 -11.31 -7.75
C ILE A 261 -3.09 -12.03 -8.21
N ILE A 262 -3.53 -11.72 -9.42
CA ILE A 262 -4.80 -12.24 -9.94
C ILE A 262 -4.51 -13.54 -10.69
N VAL A 263 -5.06 -14.65 -10.20
CA VAL A 263 -4.89 -15.96 -10.81
C VAL A 263 -6.17 -16.32 -11.56
N TYR A 264 -6.06 -16.47 -12.87
CA TYR A 264 -7.19 -16.76 -13.74
C TYR A 264 -7.30 -18.28 -13.90
N VAL A 265 -8.26 -18.88 -13.20
CA VAL A 265 -8.58 -20.29 -13.36
C VAL A 265 -9.54 -20.38 -14.54
N LYS A 266 -9.04 -20.83 -15.69
CA LYS A 266 -9.74 -20.67 -16.95
C LYS A 266 -10.25 -22.00 -17.49
N ILE A 267 -11.50 -21.98 -17.97
CA ILE A 267 -12.03 -23.01 -18.86
C ILE A 267 -12.19 -22.34 -20.22
N SER A 268 -11.35 -22.74 -21.17
CA SER A 268 -11.27 -22.01 -22.43
C SER A 268 -12.49 -22.24 -23.32
N SER A 269 -13.05 -23.44 -23.30
CA SER A 269 -14.18 -23.77 -24.15
C SER A 269 -15.49 -23.52 -23.41
N PRO A 270 -16.31 -22.58 -23.85
CA PRO A 270 -17.61 -22.38 -23.19
C PRO A 270 -18.47 -23.64 -23.19
N LYS A 271 -18.27 -24.51 -24.17
CA LYS A 271 -19.08 -25.72 -24.26
C LYS A 271 -18.68 -26.71 -23.17
N VAL A 272 -17.38 -26.82 -22.88
CA VAL A 272 -16.91 -27.68 -21.80
C VAL A 272 -17.45 -27.21 -20.47
N LEU A 273 -17.45 -25.90 -20.24
CA LEU A 273 -17.99 -25.35 -19.00
C LEU A 273 -19.47 -25.69 -18.86
N GLN A 274 -20.21 -25.72 -19.98
CA GLN A 274 -21.63 -26.04 -19.92
C GLN A 274 -21.86 -27.48 -19.45
N ARG A 275 -21.12 -28.44 -20.03
CA ARG A 275 -21.24 -29.82 -19.58
C ARG A 275 -20.84 -29.98 -18.13
N LEU A 276 -19.81 -29.24 -17.69
CA LEU A 276 -19.40 -29.29 -16.29
C LEU A 276 -20.51 -28.81 -15.37
N ILE A 277 -21.10 -27.66 -15.69
CA ILE A 277 -22.19 -27.13 -14.88
C ILE A 277 -23.39 -28.07 -14.92
N LYS A 278 -23.74 -28.55 -16.12
CA LYS A 278 -24.86 -29.47 -16.24
C LYS A 278 -24.61 -30.78 -15.50
N SER A 279 -23.34 -31.19 -15.39
CA SER A 279 -23.00 -32.41 -14.68
C SER A 279 -23.16 -32.29 -13.17
N ARG A 280 -23.43 -31.09 -12.66
CA ARG A 280 -23.60 -30.88 -11.23
C ARG A 280 -25.06 -30.99 -10.78
N GLY A 281 -25.99 -31.19 -11.70
CA GLY A 281 -27.39 -31.37 -11.38
C GLY A 281 -28.21 -30.14 -11.75
N LYS A 282 -29.53 -30.31 -11.62
CA LYS A 282 -30.46 -29.23 -11.95
C LYS A 282 -30.31 -28.05 -11.00
N SER A 283 -29.89 -28.30 -9.75
CA SER A 283 -29.67 -27.21 -8.81
C SER A 283 -28.65 -26.21 -9.34
N GLN A 284 -27.61 -26.71 -9.99
CA GLN A 284 -26.61 -25.83 -10.60
C GLN A 284 -26.93 -25.50 -12.05
N ALA A 285 -27.70 -26.35 -12.74
CA ALA A 285 -28.06 -26.08 -14.12
C ALA A 285 -29.06 -24.93 -14.22
N LYS A 286 -29.84 -24.69 -13.16
CA LYS A 286 -30.74 -23.55 -13.12
C LYS A 286 -29.98 -22.25 -13.41
N HIS A 287 -28.95 -21.98 -12.62
CA HIS A 287 -28.14 -20.76 -12.78
C HIS A 287 -27.07 -20.91 -13.85
N LEU A 288 -27.43 -21.49 -15.01
CA LEU A 288 -26.45 -21.71 -16.06
C LEU A 288 -26.04 -20.40 -16.72
N ASN A 289 -27.02 -19.56 -17.06
CA ASN A 289 -26.73 -18.35 -17.83
C ASN A 289 -25.85 -17.39 -17.05
N VAL A 290 -26.15 -17.17 -15.77
CA VAL A 290 -25.34 -16.25 -14.97
C VAL A 290 -23.92 -16.76 -14.82
N GLN A 291 -23.74 -18.08 -14.82
CA GLN A 291 -22.40 -18.65 -14.75
C GLN A 291 -21.69 -18.55 -16.10
N MET A 292 -22.41 -18.75 -17.20
CA MET A 292 -21.82 -18.65 -18.53
C MET A 292 -21.45 -17.20 -18.86
N VAL A 293 -22.28 -16.24 -18.43
CA VAL A 293 -22.01 -14.84 -18.72
C VAL A 293 -20.74 -14.39 -18.01
N ALA A 294 -20.57 -14.79 -16.74
CA ALA A 294 -19.38 -14.39 -16.00
C ALA A 294 -18.12 -14.96 -16.62
N ALA A 295 -18.16 -16.22 -17.05
CA ALA A 295 -17.00 -16.81 -17.72
C ALA A 295 -16.66 -16.07 -19.00
N ASP A 296 -17.68 -15.62 -19.74
CA ASP A 296 -17.42 -14.86 -20.95
C ASP A 296 -16.83 -13.50 -20.64
N LYS A 297 -17.22 -12.88 -19.52
CA LYS A 297 -16.65 -11.59 -19.16
C LYS A 297 -15.15 -11.70 -18.89
N LEU A 298 -14.73 -12.80 -18.26
CA LEU A 298 -13.30 -13.03 -18.06
C LEU A 298 -12.59 -13.24 -19.40
N ALA A 299 -13.23 -13.93 -20.33
CA ALA A 299 -12.63 -14.16 -21.64
C ALA A 299 -12.45 -12.88 -22.43
N GLN A 300 -13.25 -11.84 -22.14
CA GLN A 300 -13.12 -10.57 -22.83
C GLN A 300 -12.03 -9.68 -22.25
N CYS A 301 -11.49 -10.02 -21.09
CA CYS A 301 -10.44 -9.21 -20.49
C CYS A 301 -9.17 -9.25 -21.33
N PRO A 302 -8.55 -8.12 -21.64
CA PRO A 302 -7.21 -8.15 -22.21
C PRO A 302 -6.25 -8.84 -21.24
N PRO A 303 -5.75 -10.01 -21.61
CA PRO A 303 -5.09 -10.87 -20.60
C PRO A 303 -3.85 -10.25 -19.97
N GLN A 304 -3.07 -9.51 -20.75
CA GLN A 304 -1.80 -8.99 -20.25
C GLN A 304 -1.98 -7.83 -19.29
N GLU A 305 -3.12 -7.14 -19.31
CA GLU A 305 -3.40 -6.09 -18.34
C GLU A 305 -4.27 -6.54 -17.18
N SER A 306 -4.84 -7.74 -17.25
CA SER A 306 -5.85 -8.17 -16.29
C SER A 306 -5.41 -9.30 -15.37
N PHE A 307 -4.56 -10.21 -15.84
CA PHE A 307 -4.21 -11.40 -15.09
C PHE A 307 -2.70 -11.48 -14.89
N ASP A 308 -2.31 -11.86 -13.67
CA ASP A 308 -0.90 -12.12 -13.39
C ASP A 308 -0.52 -13.57 -13.68
N VAL A 309 -1.44 -14.50 -13.44
CA VAL A 309 -1.25 -15.91 -13.77
C VAL A 309 -2.50 -16.40 -14.47
N ILE A 310 -2.32 -17.13 -15.58
CA ILE A 310 -3.43 -17.72 -16.32
C ILE A 310 -3.23 -19.23 -16.30
N LEU A 311 -4.12 -19.93 -15.59
CA LEU A 311 -4.09 -21.39 -15.51
C LEU A 311 -5.13 -21.94 -16.48
N ASP A 312 -4.68 -22.41 -17.64
CA ASP A 312 -5.54 -23.07 -18.60
C ASP A 312 -5.06 -24.46 -18.94
N GLU A 313 -4.31 -25.08 -18.02
CA GLU A 313 -3.80 -26.43 -18.23
C GLU A 313 -4.95 -27.44 -18.23
N ASN A 314 -4.72 -28.56 -18.90
CA ASN A 314 -5.74 -29.61 -18.95
C ASN A 314 -5.84 -30.35 -17.62
N GLN A 315 -4.72 -30.60 -16.97
CA GLN A 315 -4.67 -31.41 -15.75
C GLN A 315 -4.48 -30.52 -14.53
N LEU A 316 -5.11 -30.90 -13.42
CA LEU A 316 -4.99 -30.12 -12.19
C LEU A 316 -3.56 -30.07 -11.70
N GLU A 317 -2.83 -31.19 -11.81
CA GLU A 317 -1.44 -31.22 -11.35
C GLU A 317 -0.58 -30.23 -12.12
N ASP A 318 -0.82 -30.10 -13.43
CA ASP A 318 -0.05 -29.15 -14.23
C ASP A 318 -0.40 -27.71 -13.87
N ALA A 319 -1.68 -27.44 -13.60
CA ALA A 319 -2.08 -26.10 -13.17
C ALA A 319 -1.47 -25.76 -11.82
N CYS A 320 -1.39 -26.75 -10.92
CA CYS A 320 -0.81 -26.50 -9.60
C CYS A 320 0.69 -26.19 -9.72
N GLU A 321 1.41 -26.92 -10.56
CA GLU A 321 2.84 -26.66 -10.72
C GLU A 321 3.08 -25.27 -11.30
N HIS A 322 2.28 -24.87 -12.28
CA HIS A 322 2.40 -23.53 -12.84
C HIS A 322 2.22 -22.47 -11.77
N LEU A 323 1.17 -22.60 -10.95
CA LEU A 323 0.93 -21.62 -9.90
C LEU A 323 2.05 -21.64 -8.86
N ALA A 324 2.53 -22.82 -8.48
CA ALA A 324 3.59 -22.91 -7.50
C ALA A 324 4.88 -22.32 -8.04
N ASP A 325 5.20 -22.59 -9.31
CA ASP A 325 6.39 -22.00 -9.93
C ASP A 325 6.34 -20.47 -9.87
N TYR A 326 5.17 -19.89 -10.14
CA TYR A 326 5.04 -18.44 -10.10
C TYR A 326 5.23 -17.91 -8.68
N LEU A 327 4.62 -18.56 -7.69
CA LEU A 327 4.70 -18.08 -6.32
C LEU A 327 6.08 -18.32 -5.71
N GLU A 328 6.76 -19.40 -6.12
CA GLU A 328 8.15 -19.59 -5.67
C GLU A 328 9.04 -18.49 -6.22
N ALA A 329 8.83 -18.09 -7.48
CA ALA A 329 9.57 -16.97 -8.04
C ALA A 329 9.24 -15.68 -7.29
N TYR A 330 7.97 -15.49 -6.93
CA TYR A 330 7.61 -14.31 -6.14
C TYR A 330 8.22 -14.37 -4.75
N TRP A 331 8.30 -15.57 -4.17
CA TRP A 331 8.95 -15.71 -2.86
C TRP A 331 10.41 -15.29 -2.91
N LYS A 332 11.11 -15.68 -3.97
CA LYS A 332 12.52 -15.30 -4.10
C LYS A 332 12.67 -13.80 -4.28
N ALA A 333 11.76 -13.17 -5.05
CA ALA A 333 11.85 -11.73 -5.27
C ALA A 333 11.61 -10.95 -3.98
N THR A 334 10.80 -11.51 -3.07
CA THR A 334 10.48 -10.83 -1.81
C THR A 334 11.40 -11.24 -0.66
N HIS A 335 12.17 -12.32 -0.81
CA HIS A 335 13.06 -12.81 0.24
C HIS A 335 14.47 -12.95 -0.32
N PRO A 336 15.15 -11.84 -0.57
CA PRO A 336 16.50 -11.89 -1.13
C PRO A 336 17.48 -12.46 -0.11
N PRO A 337 18.58 -13.06 -0.56
CA PRO A 337 19.57 -13.61 0.38
C PRO A 337 20.20 -12.50 1.21
N SER A 338 20.69 -12.90 2.39
CA SER A 338 21.38 -11.95 3.27
C SER A 338 22.71 -11.56 2.67
N SER A 339 23.00 -10.25 2.72
CA SER A 339 24.26 -9.75 2.19
C SER A 339 25.42 -10.17 3.10
N ASN A 340 26.57 -10.45 2.50
CA ASN A 340 27.72 -10.92 3.26
C ASN A 340 28.27 -9.81 4.13
N LEU A 341 28.52 -10.12 5.41
CA LEU A 341 29.10 -9.17 6.34
C LEU A 341 30.62 -9.13 6.15
N PRO A 342 31.23 -7.94 6.26
CA PRO A 342 32.69 -7.85 6.05
C PRO A 342 33.46 -8.68 7.07
N ASN A 343 34.46 -9.40 6.57
CA ASN A 343 35.29 -10.25 7.41
C ASN A 343 36.01 -9.41 8.45
N PRO A 344 35.78 -9.63 9.75
CA PRO A 344 36.49 -8.85 10.78
C PRO A 344 37.99 -9.13 10.83
N LEU A 345 38.47 -10.14 10.12
CA LEU A 345 39.91 -10.41 10.09
C LEU A 345 40.67 -9.32 9.34
N LEU A 346 40.03 -8.67 8.36
CA LEU A 346 40.68 -7.64 7.57
C LEU A 346 40.83 -6.31 8.31
N SER A 347 40.25 -6.19 9.51
CA SER A 347 40.38 -4.96 10.28
C SER A 347 41.74 -4.90 10.96
N ARG A 348 42.28 -3.68 11.06
CA ARG A 348 43.57 -3.49 11.71
C ARG A 348 43.48 -3.49 13.23
N THR A 349 42.28 -3.26 13.79
CA THR A 349 42.09 -3.32 15.23
C THR A 349 40.90 -4.21 15.58
N GLN B 1 1.74 21.99 3.74
CA GLN B 1 3.19 21.92 3.84
C GLN B 1 3.67 22.49 5.18
N VAL B 2 4.31 23.66 5.14
CA VAL B 2 4.92 24.22 6.33
C VAL B 2 3.89 24.74 7.32
N GLN B 3 2.65 24.96 6.89
CA GLN B 3 1.61 25.50 7.75
C GLN B 3 0.43 24.53 7.79
N LEU B 4 0.06 24.10 8.99
CA LEU B 4 -1.05 23.17 9.20
C LEU B 4 -1.96 23.74 10.28
N GLN B 5 -3.17 24.15 9.90
CA GLN B 5 -4.14 24.71 10.83
C GLN B 5 -5.27 23.71 11.01
N GLU B 6 -5.44 23.22 12.24
CA GLU B 6 -6.43 22.19 12.55
C GLU B 6 -7.69 22.88 13.07
N SER B 7 -8.74 22.89 12.25
CA SER B 7 -9.99 23.52 12.65
C SER B 7 -10.62 22.80 13.84
N GLY B 8 -10.99 21.53 13.64
CA GLY B 8 -11.41 20.66 14.73
C GLY B 8 -12.64 21.14 15.48
N GLY B 9 -12.67 20.81 16.77
CA GLY B 9 -13.79 21.18 17.61
C GLY B 9 -13.41 21.13 19.08
N GLY B 10 -14.44 21.21 19.92
CA GLY B 10 -14.25 21.30 21.35
C GLY B 10 -14.38 19.98 22.10
N LEU B 11 -15.30 19.90 23.05
CA LEU B 11 -15.43 18.76 23.94
C LEU B 11 -16.89 18.33 24.06
N VAL B 12 -17.09 17.05 24.39
CA VAL B 12 -18.41 16.44 24.54
C VAL B 12 -18.31 15.48 25.74
N GLN B 13 -19.46 14.94 26.16
CA GLN B 13 -19.53 14.01 27.29
C GLN B 13 -19.45 12.55 26.86
N ALA B 14 -20.14 12.19 25.79
CA ALA B 14 -20.14 10.83 25.27
C ALA B 14 -20.72 10.84 23.86
N GLY B 15 -20.71 9.68 23.22
CA GLY B 15 -21.22 9.60 21.85
C GLY B 15 -20.46 10.54 20.94
N GLY B 16 -21.18 11.45 20.31
CA GLY B 16 -20.57 12.51 19.54
C GLY B 16 -20.19 12.10 18.13
N SER B 17 -20.09 13.11 17.25
CA SER B 17 -19.76 12.92 15.84
C SER B 17 -19.07 14.21 15.36
N LEU B 18 -17.81 14.37 15.74
CA LEU B 18 -17.06 15.57 15.45
C LEU B 18 -16.14 15.33 14.25
N ARG B 19 -16.21 16.21 13.27
CA ARG B 19 -15.38 16.12 12.06
C ARG B 19 -14.23 17.12 12.20
N LEU B 20 -13.15 16.66 12.82
CA LEU B 20 -11.91 17.44 12.85
C LEU B 20 -11.44 17.71 11.43
N SER B 21 -10.74 18.83 11.26
CA SER B 21 -10.31 19.23 9.92
C SER B 21 -9.04 20.05 10.01
N CYS B 22 -8.03 19.67 9.24
CA CYS B 22 -6.74 20.36 9.20
C CYS B 22 -6.46 20.81 7.76
N VAL B 23 -6.18 22.10 7.59
CA VAL B 23 -5.89 22.67 6.29
C VAL B 23 -4.40 22.95 6.19
N ALA B 24 -3.86 22.81 4.98
CA ALA B 24 -2.44 22.99 4.72
C ALA B 24 -2.22 24.07 3.68
N SER B 25 -1.01 24.62 3.68
CA SER B 25 -0.61 25.65 2.73
C SER B 25 0.33 25.05 1.68
N GLY B 26 0.35 25.68 0.51
CA GLY B 26 1.25 25.26 -0.55
C GLY B 26 0.65 24.18 -1.42
N ARG B 27 1.11 24.13 -2.68
CA ARG B 27 0.65 23.14 -3.65
C ARG B 27 1.50 21.88 -3.64
N THR B 28 1.97 21.47 -2.47
CA THR B 28 2.69 20.21 -2.29
C THR B 28 1.95 19.27 -1.36
N PHE B 29 0.65 19.51 -1.13
CA PHE B 29 -0.12 18.70 -0.20
C PHE B 29 -0.13 17.24 -0.62
N SER B 30 -0.28 16.96 -1.91
CA SER B 30 -0.31 15.59 -2.40
C SER B 30 1.04 14.89 -2.29
N SER B 31 2.11 15.61 -1.98
CA SER B 31 3.42 15.02 -1.79
C SER B 31 3.66 14.55 -0.36
N TYR B 32 2.69 14.66 0.53
CA TYR B 32 2.84 14.29 1.93
C TYR B 32 1.75 13.33 2.36
N ALA B 33 2.14 12.26 3.05
CA ALA B 33 1.18 11.42 3.75
C ALA B 33 0.76 12.13 5.04
N MET B 34 -0.53 12.05 5.37
CA MET B 34 -1.11 12.87 6.43
C MET B 34 -1.59 11.98 7.56
N GLY B 35 -1.28 12.37 8.79
CA GLY B 35 -1.64 11.58 9.95
C GLY B 35 -2.17 12.45 11.07
N TRP B 36 -2.95 11.83 11.95
CA TRP B 36 -3.47 12.46 13.15
C TRP B 36 -2.84 11.80 14.36
N PHE B 37 -2.45 12.62 15.34
CA PHE B 37 -1.89 12.14 16.60
C PHE B 37 -2.68 12.73 17.75
N ARG B 38 -2.41 12.24 18.96
CA ARG B 38 -3.04 12.81 20.14
C ARG B 38 -2.13 12.73 21.35
N GLN B 39 -2.22 13.76 22.19
CA GLN B 39 -1.46 13.84 23.44
C GLN B 39 -2.44 14.11 24.57
N ALA B 40 -2.65 13.13 25.44
CA ALA B 40 -3.47 13.33 26.61
C ALA B 40 -2.82 14.35 27.54
N PRO B 41 -3.59 14.95 28.46
CA PRO B 41 -3.00 15.98 29.34
C PRO B 41 -1.78 15.51 30.11
N GLY B 42 -1.65 14.22 30.40
CA GLY B 42 -0.49 13.73 31.13
C GLY B 42 0.25 12.61 30.42
N LYS B 43 0.00 12.45 29.13
CA LYS B 43 0.54 11.30 28.42
C LYS B 43 1.32 11.74 27.19
N GLU B 44 1.98 10.76 26.57
CA GLU B 44 2.79 10.98 25.39
C GLU B 44 1.94 11.02 24.13
N ARG B 45 2.50 11.64 23.08
CA ARG B 45 1.81 11.68 21.80
C ARG B 45 1.70 10.27 21.23
N GLU B 46 0.49 9.89 20.84
CA GLU B 46 0.24 8.57 20.28
C GLU B 46 -0.41 8.69 18.91
N PHE B 47 -0.17 7.70 18.07
CA PHE B 47 -0.71 7.68 16.72
C PHE B 47 -2.20 7.37 16.74
N VAL B 48 -2.96 8.08 15.90
CA VAL B 48 -4.40 7.88 15.77
C VAL B 48 -4.76 7.28 14.41
N ALA B 49 -4.41 7.98 13.33
CA ALA B 49 -4.76 7.52 11.99
C ALA B 49 -3.82 8.17 10.98
N ALA B 50 -3.68 7.52 9.83
CA ALA B 50 -2.84 8.05 8.76
C ALA B 50 -3.42 7.63 7.42
N ILE B 51 -3.27 8.50 6.43
CA ILE B 51 -3.72 8.24 5.07
C ILE B 51 -2.59 8.61 4.13
N ASP B 52 -2.45 7.84 3.04
CA ASP B 52 -1.31 7.99 2.15
C ASP B 52 -1.57 9.10 1.14
N TRP B 53 -0.65 9.26 0.20
CA TRP B 53 -0.62 10.46 -0.64
C TRP B 53 -1.88 10.59 -1.51
N SER B 54 -2.23 9.53 -2.22
CA SER B 54 -3.41 9.55 -3.09
C SER B 54 -4.70 9.28 -2.34
N GLY B 55 -4.64 9.00 -1.04
CA GLY B 55 -5.83 8.69 -0.29
C GLY B 55 -6.40 7.32 -0.56
N GLY B 56 -5.60 6.41 -1.11
CA GLY B 56 -6.06 5.06 -1.38
C GLY B 56 -5.84 4.06 -0.26
N THR B 57 -5.08 4.43 0.77
CA THR B 57 -4.76 3.53 1.87
C THR B 57 -4.81 4.30 3.18
N ALA B 58 -5.49 3.74 4.17
CA ALA B 58 -5.60 4.37 5.48
C ALA B 58 -5.32 3.34 6.58
N SER B 59 -4.69 3.80 7.66
CA SER B 59 -4.38 2.97 8.81
C SER B 59 -4.85 3.68 10.07
N HIS B 60 -5.56 2.95 10.94
CA HIS B 60 -6.10 3.49 12.18
C HIS B 60 -5.56 2.70 13.37
N ALA B 61 -5.42 3.38 14.50
CA ALA B 61 -4.88 2.74 15.70
C ALA B 61 -5.88 1.72 16.24
N ASP B 62 -5.34 0.72 16.95
CA ASP B 62 -6.18 -0.36 17.47
C ASP B 62 -7.22 0.17 18.45
N SER B 63 -6.85 1.17 19.26
CA SER B 63 -7.78 1.74 20.23
C SER B 63 -8.91 2.52 19.59
N VAL B 64 -8.86 2.74 18.27
CA VAL B 64 -9.77 3.66 17.60
C VAL B 64 -10.42 3.03 16.37
N LYS B 65 -10.10 1.79 16.04
CA LYS B 65 -10.65 1.13 14.86
C LYS B 65 -12.18 1.08 14.94
N GLY B 66 -12.81 1.50 13.85
CA GLY B 66 -14.27 1.55 13.75
C GLY B 66 -14.88 2.85 14.19
N ARG B 67 -14.39 3.42 15.29
CA ARG B 67 -14.94 4.67 15.79
C ARG B 67 -14.48 5.84 14.94
N PHE B 68 -13.17 5.93 14.65
CA PHE B 68 -12.66 7.07 13.93
C PHE B 68 -12.22 6.67 12.52
N THR B 69 -12.27 7.65 11.62
CA THR B 69 -12.00 7.40 10.21
C THR B 69 -11.36 8.63 9.59
N ILE B 70 -10.20 8.46 8.96
CA ILE B 70 -9.44 9.55 8.36
C ILE B 70 -9.75 9.62 6.87
N SER B 71 -9.73 10.83 6.32
CA SER B 71 -9.92 11.04 4.89
C SER B 71 -9.14 12.29 4.48
N ARG B 72 -9.08 12.52 3.18
CA ARG B 72 -8.38 13.70 2.68
C ARG B 72 -8.96 14.13 1.34
N ASP B 73 -8.92 15.44 1.09
CA ASP B 73 -9.33 16.04 -0.17
C ASP B 73 -8.12 16.81 -0.71
N ASN B 74 -7.45 16.25 -1.71
CA ASN B 74 -6.26 16.90 -2.28
C ASN B 74 -6.61 18.09 -3.16
N ALA B 75 -7.89 18.32 -3.44
CA ALA B 75 -8.32 19.53 -4.12
C ALA B 75 -8.61 20.67 -3.15
N LYS B 76 -8.69 20.39 -1.85
CA LYS B 76 -8.90 21.40 -0.83
C LYS B 76 -7.77 21.46 0.20
N ASN B 77 -6.73 20.64 0.04
CA ASN B 77 -5.58 20.62 0.94
C ASN B 77 -6.02 20.44 2.40
N THR B 78 -6.92 19.48 2.61
CA THR B 78 -7.53 19.27 3.91
C THR B 78 -7.55 17.78 4.24
N VAL B 79 -7.48 17.48 5.54
CA VAL B 79 -7.53 16.11 6.04
C VAL B 79 -8.44 16.10 7.27
N TYR B 80 -9.23 15.04 7.41
CA TYR B 80 -10.27 14.98 8.42
C TYR B 80 -10.09 13.73 9.29
N LEU B 81 -10.72 13.78 10.47
CA LEU B 81 -10.77 12.66 11.40
C LEU B 81 -12.19 12.60 11.98
N GLN B 82 -13.05 11.84 11.31
CA GLN B 82 -14.41 11.62 11.81
C GLN B 82 -14.35 10.81 13.09
N MET B 83 -14.73 11.41 14.20
CA MET B 83 -14.66 10.77 15.50
C MET B 83 -16.07 10.43 15.98
N ASN B 84 -16.32 9.15 16.20
CA ASN B 84 -17.62 8.70 16.66
C ASN B 84 -17.47 7.92 17.94
N SER B 85 -18.54 7.91 18.74
CA SER B 85 -18.59 7.18 20.00
C SER B 85 -17.37 7.54 20.84
N LEU B 86 -17.45 8.66 21.55
CA LEU B 86 -16.29 9.22 22.26
C LEU B 86 -16.29 8.76 23.71
N LYS B 87 -15.09 8.55 24.25
CA LYS B 87 -14.87 8.05 25.62
C LYS B 87 -13.93 8.96 26.38
N PRO B 88 -13.97 8.91 27.72
CA PRO B 88 -12.95 9.61 28.53
C PRO B 88 -11.53 9.32 28.10
N GLU B 89 -11.24 8.09 27.65
CA GLU B 89 -9.90 7.77 27.19
C GLU B 89 -9.50 8.55 25.95
N ASP B 90 -10.41 9.29 25.33
CA ASP B 90 -10.12 10.08 24.15
C ASP B 90 -9.80 11.54 24.47
N THR B 91 -9.72 11.91 25.75
CA THR B 91 -9.34 13.27 26.13
C THR B 91 -7.88 13.49 25.77
N ALA B 92 -7.63 14.36 24.79
CA ALA B 92 -6.28 14.64 24.34
C ALA B 92 -6.31 15.88 23.45
N VAL B 93 -5.12 16.43 23.22
CA VAL B 93 -4.94 17.47 22.20
C VAL B 93 -4.62 16.78 20.89
N TYR B 94 -5.39 17.12 19.85
CA TYR B 94 -5.32 16.42 18.58
C TYR B 94 -4.43 17.19 17.62
N TYR B 95 -3.35 16.55 17.17
CA TYR B 95 -2.39 17.17 16.27
C TYR B 95 -2.43 16.48 14.92
N CYS B 96 -2.25 17.26 13.86
CA CYS B 96 -2.16 16.75 12.50
C CYS B 96 -0.76 17.03 11.96
N ALA B 97 -0.16 16.03 11.33
CA ALA B 97 1.24 16.10 10.94
C ALA B 97 1.46 15.50 9.56
N ALA B 98 2.31 16.15 8.77
CA ALA B 98 2.63 15.72 7.43
C ALA B 98 3.99 15.04 7.38
N SER B 99 4.10 14.03 6.52
CA SER B 99 5.33 13.26 6.36
C SER B 99 5.56 12.91 4.90
N SER B 100 6.81 13.04 4.46
CA SER B 100 7.22 12.50 3.17
C SER B 100 7.41 10.99 3.21
N TYR B 101 7.05 10.37 4.34
CA TYR B 101 7.26 8.96 4.59
C TYR B 101 5.93 8.34 5.01
N TRP B 102 5.86 7.01 4.97
CA TRP B 102 4.70 6.28 5.46
C TRP B 102 5.04 5.73 6.84
N SER B 103 4.40 6.28 7.87
CA SER B 103 4.82 5.95 9.22
C SER B 103 3.71 6.31 10.21
N ARG B 104 3.80 5.70 11.39
CA ARG B 104 2.99 6.07 12.54
C ARG B 104 3.85 6.57 13.69
N SER B 105 5.10 6.94 13.41
CA SER B 105 6.04 7.39 14.42
C SER B 105 6.18 8.91 14.39
N VAL B 106 6.19 9.52 15.57
CA VAL B 106 6.23 10.97 15.67
C VAL B 106 7.50 11.54 15.06
N ASP B 107 8.63 10.83 15.23
CA ASP B 107 9.91 11.34 14.75
C ASP B 107 9.98 11.40 13.24
N GLU B 108 9.22 10.55 12.54
CA GLU B 108 9.32 10.44 11.09
C GLU B 108 8.32 11.32 10.35
N TYR B 109 7.75 12.32 11.03
CA TYR B 109 6.86 13.29 10.40
C TYR B 109 7.59 14.62 10.29
N ASP B 110 7.34 15.33 9.17
CA ASP B 110 8.14 16.48 8.80
C ASP B 110 7.57 17.81 9.27
N TYR B 111 6.24 17.98 9.21
CA TYR B 111 5.60 19.22 9.62
C TYR B 111 4.46 18.89 10.58
N TRP B 112 4.26 19.76 11.57
CA TRP B 112 3.25 19.54 12.60
C TRP B 112 2.38 20.78 12.75
N GLY B 113 1.12 20.55 13.14
CA GLY B 113 0.17 21.61 13.36
C GLY B 113 0.23 22.17 14.77
N GLN B 114 -0.72 23.07 15.06
CA GLN B 114 -0.75 23.72 16.37
C GLN B 114 -1.44 22.84 17.41
N GLY B 115 -2.64 22.34 17.09
CA GLY B 115 -3.35 21.43 17.97
C GLY B 115 -4.77 21.87 18.26
N THR B 116 -5.65 20.90 18.48
CA THR B 116 -7.04 21.14 18.82
C THR B 116 -7.40 20.29 20.03
N GLN B 117 -8.01 20.91 21.03
CA GLN B 117 -8.32 20.26 22.29
C GLN B 117 -9.68 19.59 22.23
N VAL B 118 -9.75 18.34 22.67
CA VAL B 118 -11.00 17.62 22.83
C VAL B 118 -11.01 16.95 24.20
N THR B 119 -12.21 16.87 24.79
CA THR B 119 -12.38 16.25 26.10
C THR B 119 -13.69 15.47 26.11
N VAL B 120 -13.68 14.33 26.79
CA VAL B 120 -14.85 13.48 26.94
C VAL B 120 -14.97 13.10 28.42
N SER B 121 -16.13 13.37 29.01
CA SER B 121 -16.36 13.08 30.42
C SER B 121 -17.25 11.86 30.60
C1 GOL C . -13.54 -29.92 -10.05
O1 GOL C . -12.70 -31.00 -9.76
C2 GOL C . -14.67 -30.45 -10.96
O2 GOL C . -15.60 -29.47 -11.26
C3 GOL C . -13.96 -30.98 -12.22
O3 GOL C . -14.93 -31.50 -13.05
C1 MPD D . -7.50 -24.69 -15.26
C2 MPD D . -7.62 -26.10 -14.70
O2 MPD D . -6.59 -26.93 -15.27
CM MPD D . -8.98 -26.68 -15.08
C3 MPD D . -7.41 -26.08 -13.19
C4 MPD D . -8.36 -27.01 -12.45
O4 MPD D . -7.83 -28.31 -12.46
C5 MPD D . -8.56 -26.56 -11.00
C1 GOL E . -26.32 -18.25 -5.19
O1 GOL E . -26.47 -19.46 -4.53
C2 GOL E . -24.84 -17.80 -5.00
O2 GOL E . -24.55 -16.63 -5.68
C3 GOL E . -24.66 -17.66 -3.48
O3 GOL E . -23.45 -16.99 -3.28
C1 GOL F . 7.46 -11.99 -9.20
O1 GOL F . 8.84 -12.12 -9.11
C2 GOL F . 7.18 -10.92 -10.28
O2 GOL F . 7.87 -11.18 -11.45
C3 GOL F . 5.65 -10.97 -10.49
O3 GOL F . 5.08 -10.78 -9.23
C1 MPD G . -18.59 -10.17 -14.69
C2 MPD G . -18.74 -9.50 -13.33
O2 MPD G . -18.43 -10.48 -12.31
CM MPD G . -20.19 -9.06 -13.14
C3 MPD G . -17.77 -8.33 -13.25
C4 MPD G . -18.41 -7.01 -13.70
O4 MPD G . -18.14 -6.03 -12.72
C5 MPD G . -17.91 -6.55 -15.05
C1 MPD H . 19.10 18.14 4.10
C2 MPD H . 17.60 18.15 4.40
O2 MPD H . 16.88 17.58 3.28
CM MPD H . 17.14 19.58 4.60
C3 MPD H . 17.31 17.32 5.64
C4 MPD H . 15.82 17.23 5.91
O4 MPD H . 15.34 16.05 5.29
C5 MPD H . 15.50 17.17 7.40
C1 GOL I . -20.44 5.91 -3.44
O1 GOL I . -19.58 6.78 -4.12
C2 GOL I . -20.63 6.48 -2.02
O2 GOL I . -21.42 5.65 -1.24
C3 GOL I . -19.19 6.62 -1.45
O3 GOL I . -19.32 6.96 -0.11
C1 MPD J . 23.77 0.04 -9.52
C2 MPD J . 22.27 -0.20 -9.41
O2 MPD J . 21.60 1.09 -9.28
CM MPD J . 21.76 -0.86 -10.69
C3 MPD J . 21.95 -1.06 -8.20
C4 MPD J . 22.19 -0.31 -6.90
O4 MPD J . 21.51 0.92 -6.93
C5 MPD J . 21.73 -1.12 -5.70
C1 GOL K . -11.26 -10.75 -26.48
O1 GOL K . -11.60 -9.53 -25.89
C2 GOL K . -9.74 -10.94 -26.30
O2 GOL K . -9.33 -10.71 -24.99
C3 GOL K . -9.09 -9.96 -27.31
O3 GOL K . -9.34 -8.67 -26.83
CA CA L . -10.80 -30.14 -17.65
MG MG M . 22.47 6.13 -8.66
#